data_7OEE
#
_entry.id   7OEE
#
_cell.length_a   63.800
_cell.length_b   63.800
_cell.length_c   224.730
_cell.angle_alpha   90.000
_cell.angle_beta   90.000
_cell.angle_gamma   120.000
#
_symmetry.space_group_name_H-M   'P 32 2 1'
#
loop_
_entity.id
_entity.type
_entity.pdbx_description
1 polymer 'N6-adenosine-methyltransferase catalytic subunit'
2 polymer 'N6-adenosine-methyltransferase non-catalytic subunit'
3 non-polymer 4-[(4,4-dimethylpiperidin-1-yl)methyl]-~{N}-[[(3~{S})-1-[6-(methylamino)pyrimidin-4-yl]-3-oxidanyl-piperidin-3-yl]methyl]-2-oxidanyl-benzamide
4 non-polymer 'ACETATE ION'
5 water water
#
loop_
_entity_poly.entity_id
_entity_poly.type
_entity_poly.pdbx_seq_one_letter_code
_entity_poly.pdbx_strand_id
1 'polypeptide(L)'
;MGHHHHHHSSGRENLYFQGALTQSVGGDSSADRLFPPQWICCDIRYLDVSILGKFAVVMADPPWDIHMELPYGTLTDDEM
RRLNIPVLQDDGFLFLWVTGRAMELGRECLNLWGYERVDEIIWVKTNQLQRIIRTGRTGHWLNHGKEHCLVGVKGNPQGF
NQGLDCDVIVAEVRSTSHKPDEIYGMIERLSPGTRKIELFGRPHNVQPNWITLGNQLDGIHLLDPDVVARFKQRYPDGII
SKPKNL
;
A
2 'polypeptide(L)'
;MLKGTQSLNPHNDYCQHFVDTGHRPQNFIRDVGLADRFEEYPKLRELIRLKDELIAKSNTPPMYLQADIEAFDIRELTPK
FDVILLEPPLEEYYRETGITANEKCWTWDDIMKLEIDEIAAPRSFIFLWCGSGEGLDLGRVCLRKWGYRRCEDICWIKTN
KNNPGKTKTLDPKAVFQRTKEHCLMGIKGTVKRSTDGDFIHANVDIDLIITEEPEIGNIEKPVEIFHIIEHFCLGRRRLH
LFGRDSTIRPGWLTVGPTLTNSNYNAETYASYFSAPNSYLTGCTEEIERL
;
B
#
# COMPACT_ATOMS: atom_id res chain seq x y z
N LEU A 34 -3.12 -34.41 6.22
CA LEU A 34 -2.40 -35.00 5.10
C LEU A 34 -1.60 -33.98 4.27
N PHE A 35 -0.28 -33.92 4.55
CA PHE A 35 0.72 -32.98 4.04
C PHE A 35 0.84 -32.80 2.52
N PRO A 36 0.57 -33.79 1.67
CA PRO A 36 0.78 -33.55 0.20
C PRO A 36 -0.36 -32.74 -0.41
N PRO A 37 -0.13 -32.09 -1.57
CA PRO A 37 -1.12 -31.14 -2.11
C PRO A 37 -2.51 -31.75 -2.27
N GLN A 38 -3.52 -30.94 -1.98
CA GLN A 38 -4.91 -31.30 -2.21
C GLN A 38 -5.59 -30.14 -2.89
N TRP A 39 -6.68 -30.42 -3.59
CA TRP A 39 -7.36 -29.35 -4.30
C TRP A 39 -8.75 -29.80 -4.73
N ILE A 40 -9.59 -28.79 -4.96
CA ILE A 40 -10.98 -28.97 -5.35
C ILE A 40 -11.23 -27.96 -6.47
N CYS A 41 -11.48 -28.45 -7.69
CA CYS A 41 -12.06 -27.58 -8.73
C CYS A 41 -13.49 -27.24 -8.32
N CYS A 42 -13.85 -25.97 -8.41
CA CYS A 42 -15.18 -25.56 -7.97
C CYS A 42 -15.41 -24.07 -8.17
N ASP A 43 -16.61 -23.62 -7.82
CA ASP A 43 -16.94 -22.21 -7.76
C ASP A 43 -16.97 -21.84 -6.28
N ILE A 44 -15.97 -21.07 -5.84
CA ILE A 44 -15.88 -20.72 -4.42
C ILE A 44 -17.15 -20.01 -3.94
N ARG A 45 -17.95 -19.50 -4.89
CA ARG A 45 -19.26 -18.93 -4.54
C ARG A 45 -20.21 -19.99 -4.01
N TYR A 46 -20.22 -21.18 -4.61
CA TYR A 46 -21.25 -22.17 -4.31
C TYR A 46 -20.77 -23.35 -3.49
N LEU A 47 -19.46 -23.52 -3.29
CA LEU A 47 -18.96 -24.59 -2.46
C LEU A 47 -19.29 -24.34 -1.00
N ASP A 48 -19.63 -25.41 -0.30
CA ASP A 48 -19.91 -25.39 1.13
C ASP A 48 -18.58 -25.59 1.84
N VAL A 49 -17.93 -24.48 2.18
CA VAL A 49 -16.55 -24.56 2.66
C VAL A 49 -16.48 -25.02 4.11
N SER A 50 -17.62 -25.29 4.74
CA SER A 50 -17.62 -25.81 6.11
C SER A 50 -17.03 -27.20 6.18
N ILE A 51 -17.17 -27.99 5.12
CA ILE A 51 -16.65 -29.36 5.14
C ILE A 51 -15.13 -29.43 5.19
N LEU A 52 -14.43 -28.32 4.99
CA LEU A 52 -12.98 -28.31 4.91
C LEU A 52 -12.28 -28.09 6.25
N GLY A 53 -13.00 -27.75 7.33
CA GLY A 53 -12.36 -27.57 8.62
C GLY A 53 -11.82 -26.16 8.86
N LYS A 54 -10.88 -26.07 9.81
CA LYS A 54 -10.27 -24.79 10.19
C LYS A 54 -8.83 -24.70 9.71
N PHE A 55 -8.37 -23.47 9.45
CA PHE A 55 -7.06 -23.28 8.84
C PHE A 55 -6.25 -22.24 9.59
N ALA A 56 -4.95 -22.47 9.70
CA ALA A 56 -4.13 -21.51 10.41
C ALA A 56 -3.81 -20.31 9.54
N VAL A 57 -3.72 -20.51 8.21
CA VAL A 57 -3.47 -19.45 7.24
C VAL A 57 -4.46 -19.59 6.10
N VAL A 58 -4.94 -18.45 5.61
CA VAL A 58 -5.77 -18.38 4.41
C VAL A 58 -5.14 -17.38 3.47
N MET A 59 -4.99 -17.76 2.21
CA MET A 59 -4.63 -16.84 1.15
C MET A 59 -5.71 -16.80 0.07
N ALA A 60 -6.01 -15.59 -0.42
CA ALA A 60 -6.92 -15.43 -1.54
C ALA A 60 -6.35 -14.45 -2.55
N ASP A 61 -6.63 -14.73 -3.82
CA ASP A 61 -6.21 -13.88 -4.94
C ASP A 61 -7.46 -13.66 -5.79
N PRO A 62 -8.40 -12.84 -5.29
CA PRO A 62 -9.73 -12.83 -5.88
C PRO A 62 -9.72 -12.15 -7.23
N PRO A 63 -10.68 -12.50 -8.14
CA PRO A 63 -10.93 -11.74 -9.38
C PRO A 63 -11.80 -10.52 -9.10
N TRP A 64 -11.18 -9.52 -8.49
CA TRP A 64 -11.86 -8.27 -8.21
C TRP A 64 -12.39 -7.64 -9.49
N ASP A 65 -13.59 -7.08 -9.41
CA ASP A 65 -14.19 -6.36 -10.52
C ASP A 65 -13.62 -4.95 -10.53
N ILE A 66 -12.63 -4.70 -11.38
CA ILE A 66 -11.96 -3.39 -11.36
C ILE A 66 -12.10 -2.64 -12.70
N HIS A 67 -13.10 -3.02 -13.52
CA HIS A 67 -13.35 -2.53 -14.88
C HIS A 67 -12.41 -3.19 -15.90
N MET A 68 -12.88 -3.30 -17.15
CA MET A 68 -12.23 -4.06 -18.23
C MET A 68 -12.23 -5.56 -17.92
N PRO A 71 -8.88 -11.08 -20.28
CA PRO A 71 -9.52 -10.92 -18.98
C PRO A 71 -9.93 -12.29 -18.41
N TYR A 72 -10.95 -12.28 -17.55
CA TYR A 72 -11.47 -13.47 -16.89
C TYR A 72 -12.80 -13.09 -16.25
N GLY A 73 -13.49 -14.09 -15.71
CA GLY A 73 -14.71 -13.83 -14.97
C GLY A 73 -14.41 -13.22 -13.61
N THR A 74 -14.98 -12.05 -13.33
CA THR A 74 -14.85 -11.41 -12.03
C THR A 74 -16.03 -11.75 -11.12
N LEU A 75 -15.93 -11.30 -9.88
CA LEU A 75 -17.00 -11.41 -8.89
C LEU A 75 -17.40 -9.99 -8.50
N THR A 76 -18.68 -9.79 -8.21
CA THR A 76 -19.15 -8.46 -7.84
C THR A 76 -18.67 -8.15 -6.43
N ASP A 77 -18.71 -6.88 -6.06
CA ASP A 77 -18.37 -6.51 -4.70
C ASP A 77 -19.23 -7.27 -3.69
N ASP A 78 -20.51 -7.47 -4.00
CA ASP A 78 -21.37 -8.19 -3.07
C ASP A 78 -20.99 -9.67 -3.00
N GLU A 79 -20.61 -10.27 -4.12
CA GLU A 79 -20.21 -11.66 -4.10
C GLU A 79 -18.98 -11.84 -3.21
N MET A 80 -17.98 -10.98 -3.40
CA MET A 80 -16.84 -10.95 -2.50
C MET A 80 -17.28 -10.78 -1.05
N ARG A 81 -18.19 -9.83 -0.78
CA ARG A 81 -18.63 -9.61 0.60
C ARG A 81 -19.28 -10.87 1.17
N ARG A 82 -20.04 -11.61 0.33
CA ARG A 82 -20.81 -12.78 0.77
C ARG A 82 -19.98 -14.05 0.88
N LEU A 83 -18.72 -14.08 0.43
CA LEU A 83 -17.90 -15.29 0.54
C LEU A 83 -17.78 -15.74 1.99
N ASN A 84 -18.04 -17.02 2.23
CA ASN A 84 -18.01 -17.51 3.60
C ASN A 84 -16.60 -17.71 4.15
N ILE A 85 -15.75 -16.68 4.03
CA ILE A 85 -14.46 -16.69 4.72
C ILE A 85 -14.59 -16.90 6.22
N PRO A 86 -15.60 -16.34 6.93
CA PRO A 86 -15.54 -16.34 8.40
C PRO A 86 -15.44 -17.72 9.02
N VAL A 87 -15.90 -18.76 8.33
CA VAL A 87 -15.88 -20.13 8.88
C VAL A 87 -14.52 -20.80 8.73
N LEU A 88 -13.69 -20.37 7.78
CA LEU A 88 -12.43 -21.08 7.55
C LEU A 88 -11.47 -20.97 8.73
N GLN A 89 -11.54 -19.93 9.56
CA GLN A 89 -10.57 -19.78 10.64
C GLN A 89 -11.25 -19.45 11.96
N ASP A 90 -10.54 -19.76 13.05
CA ASP A 90 -10.84 -19.26 14.38
C ASP A 90 -9.72 -18.36 14.91
N ASP A 91 -8.47 -18.81 14.80
CA ASP A 91 -7.32 -17.97 15.14
C ASP A 91 -6.27 -18.16 14.06
N GLY A 92 -6.01 -17.11 13.28
CA GLY A 92 -5.06 -17.25 12.20
C GLY A 92 -4.95 -16.00 11.36
N PHE A 93 -4.33 -16.18 10.18
CA PHE A 93 -3.91 -15.09 9.33
C PHE A 93 -4.58 -15.21 7.96
N LEU A 94 -4.90 -14.04 7.38
CA LEU A 94 -5.45 -13.93 6.03
C LEU A 94 -4.47 -13.15 5.16
N PHE A 95 -4.15 -13.69 3.99
CA PHE A 95 -3.31 -13.02 3.00
C PHE A 95 -4.16 -12.75 1.77
N LEU A 96 -4.28 -11.47 1.37
CA LEU A 96 -5.34 -11.00 0.47
C LEU A 96 -4.78 -10.08 -0.60
N TRP A 97 -4.58 -10.60 -1.81
CA TRP A 97 -4.01 -9.78 -2.88
C TRP A 97 -5.02 -8.73 -3.32
N VAL A 98 -4.55 -7.48 -3.44
CA VAL A 98 -5.40 -6.34 -3.76
C VAL A 98 -4.71 -5.47 -4.82
N THR A 99 -5.51 -4.83 -5.65
CA THR A 99 -4.98 -3.95 -6.68
C THR A 99 -6.08 -2.94 -7.03
N GLY A 100 -5.68 -1.76 -7.50
CA GLY A 100 -6.68 -0.79 -7.90
C GLY A 100 -7.64 -0.47 -6.77
N ARG A 101 -8.93 -0.37 -7.11
CA ARG A 101 -9.94 -0.08 -6.09
C ARG A 101 -10.07 -1.20 -5.06
N ALA A 102 -9.54 -2.39 -5.36
CA ALA A 102 -9.60 -3.46 -4.39
C ALA A 102 -8.69 -3.19 -3.18
N MET A 103 -7.71 -2.29 -3.30
CA MET A 103 -6.99 -1.81 -2.11
C MET A 103 -7.97 -1.35 -1.04
N GLU A 104 -9.05 -0.68 -1.44
CA GLU A 104 -10.06 -0.24 -0.50
C GLU A 104 -11.10 -1.33 -0.25
N LEU A 105 -11.57 -1.97 -1.31
CA LEU A 105 -12.63 -2.95 -1.17
C LEU A 105 -12.15 -4.13 -0.34
N GLY A 106 -10.90 -4.57 -0.57
CA GLY A 106 -10.34 -5.67 0.21
C GLY A 106 -10.26 -5.34 1.69
N ARG A 107 -9.92 -4.09 2.02
CA ARG A 107 -9.96 -3.67 3.42
C ARG A 107 -11.36 -3.77 3.99
N GLU A 108 -12.36 -3.55 3.16
CA GLU A 108 -13.73 -3.72 3.62
C GLU A 108 -14.08 -5.20 3.78
N CYS A 109 -13.81 -6.02 2.77
CA CYS A 109 -14.05 -7.45 2.92
C CYS A 109 -13.28 -8.01 4.09
N LEU A 110 -12.03 -7.60 4.25
CA LEU A 110 -11.22 -8.10 5.32
C LEU A 110 -11.83 -7.75 6.68
N ASN A 111 -12.38 -6.54 6.81
CA ASN A 111 -12.99 -6.12 8.07
C ASN A 111 -14.35 -6.79 8.27
N LEU A 112 -15.19 -6.82 7.23
CA LEU A 112 -16.45 -7.53 7.36
C LEU A 112 -16.20 -8.97 7.77
N TRP A 113 -15.24 -9.65 7.12
CA TRP A 113 -14.97 -11.04 7.45
C TRP A 113 -14.39 -11.24 8.85
N GLY A 114 -14.07 -10.17 9.58
CA GLY A 114 -13.64 -10.28 10.98
C GLY A 114 -12.15 -10.20 11.24
N TYR A 115 -11.34 -9.76 10.29
CA TYR A 115 -9.91 -9.64 10.52
C TYR A 115 -9.54 -8.18 10.76
N GLU A 116 -8.42 -7.99 11.45
CA GLU A 116 -7.75 -6.71 11.49
C GLU A 116 -6.53 -6.75 10.58
N ARG A 117 -6.43 -5.78 9.65
CA ARG A 117 -5.22 -5.63 8.84
C ARG A 117 -4.06 -5.21 9.75
N VAL A 118 -3.05 -6.07 9.84
CA VAL A 118 -1.88 -5.79 10.65
C VAL A 118 -0.58 -5.72 9.86
N ASP A 119 -0.60 -6.05 8.58
CA ASP A 119 0.60 -5.87 7.78
C ASP A 119 0.18 -5.77 6.32
N GLU A 120 1.14 -5.44 5.49
CA GLU A 120 0.89 -5.33 4.06
C GLU A 120 2.20 -5.65 3.35
N ILE A 121 2.18 -6.67 2.51
CA ILE A 121 3.34 -7.11 1.77
C ILE A 121 3.23 -6.53 0.39
N ILE A 122 4.33 -6.02 -0.13
CA ILE A 122 4.39 -5.62 -1.52
C ILE A 122 5.43 -6.50 -2.20
N TRP A 123 5.10 -6.96 -3.39
CA TRP A 123 6.00 -7.73 -4.24
C TRP A 123 6.56 -6.80 -5.31
N VAL A 124 7.86 -6.50 -5.22
CA VAL A 124 8.53 -5.74 -6.28
C VAL A 124 8.79 -6.68 -7.45
N LYS A 125 8.12 -6.43 -8.57
CA LYS A 125 8.28 -7.22 -9.78
C LYS A 125 9.59 -6.82 -10.49
N THR A 126 10.49 -7.79 -10.67
CA THR A 126 11.75 -7.61 -11.39
C THR A 126 11.80 -8.56 -12.59
N ASN A 127 12.81 -8.36 -13.43
CA ASN A 127 13.16 -9.28 -14.50
C ASN A 127 14.22 -10.28 -14.02
N GLN A 128 14.83 -11.01 -14.96
CA GLN A 128 15.81 -12.02 -14.60
C GLN A 128 17.15 -11.42 -14.18
N LEU A 129 17.39 -10.14 -14.47
CA LEU A 129 18.61 -9.45 -14.05
C LEU A 129 18.36 -8.38 -12.97
N GLN A 130 17.27 -8.52 -12.19
CA GLN A 130 17.05 -7.77 -10.95
C GLN A 130 16.88 -6.27 -11.19
N ARG A 131 16.11 -5.91 -12.21
CA ARG A 131 15.68 -4.54 -12.46
C ARG A 131 14.16 -4.47 -12.45
N ILE A 132 13.63 -3.32 -12.05
CA ILE A 132 12.19 -3.19 -11.89
C ILE A 132 11.52 -3.10 -13.26
N ILE A 133 10.43 -3.85 -13.42
CA ILE A 133 9.57 -3.72 -14.58
C ILE A 133 8.99 -2.30 -14.72
N HIS A 140 -2.48 4.42 -13.60
CA HIS A 140 -3.11 5.63 -14.13
C HIS A 140 -2.13 6.81 -14.20
N TRP A 141 -1.75 7.34 -13.03
CA TRP A 141 -0.84 8.48 -12.92
C TRP A 141 0.62 8.04 -12.85
N LEU A 142 0.87 6.85 -12.32
CA LEU A 142 2.20 6.27 -12.21
C LEU A 142 2.21 4.85 -12.76
N ASN A 143 3.36 4.47 -13.31
CA ASN A 143 3.63 3.08 -13.62
C ASN A 143 3.71 2.29 -12.31
N HIS A 144 3.26 1.05 -12.34
CA HIS A 144 3.20 0.23 -11.14
C HIS A 144 4.34 -0.78 -11.16
N GLY A 145 5.17 -0.75 -10.12
CA GLY A 145 6.29 -1.67 -10.01
C GLY A 145 6.10 -2.71 -8.93
N LYS A 146 4.86 -2.92 -8.49
CA LYS A 146 4.61 -3.72 -7.29
C LYS A 146 3.17 -4.19 -7.24
N GLU A 147 2.96 -5.28 -6.50
CA GLU A 147 1.63 -5.78 -6.18
C GLU A 147 1.50 -5.87 -4.67
N HIS A 148 0.31 -5.55 -4.17
CA HIS A 148 0.06 -5.48 -2.74
C HIS A 148 -0.72 -6.70 -2.27
N CYS A 149 -0.30 -7.25 -1.13
CA CYS A 149 -1.03 -8.31 -0.46
C CYS A 149 -1.26 -7.91 0.99
N LEU A 150 -2.53 -7.80 1.38
CA LEU A 150 -2.87 -7.40 2.73
C LEU A 150 -2.73 -8.57 3.67
N VAL A 151 -2.23 -8.31 4.87
CA VAL A 151 -2.15 -9.34 5.91
C VAL A 151 -3.12 -9.01 7.03
N GLY A 152 -4.05 -9.93 7.30
CA GLY A 152 -5.06 -9.74 8.33
C GLY A 152 -4.94 -10.81 9.40
N VAL A 153 -5.35 -10.46 10.61
CA VAL A 153 -5.31 -11.40 11.71
C VAL A 153 -6.72 -11.54 12.27
N LYS A 154 -7.02 -12.74 12.79
CA LYS A 154 -8.31 -13.08 13.39
C LYS A 154 -8.06 -13.87 14.66
N GLY A 155 -8.83 -13.57 15.71
CA GLY A 155 -8.64 -14.19 17.01
C GLY A 155 -7.28 -13.88 17.63
N ASN A 156 -6.77 -14.80 18.42
CA ASN A 156 -5.43 -14.68 18.99
C ASN A 156 -4.62 -15.90 18.56
N PRO A 157 -3.92 -15.81 17.44
CA PRO A 157 -3.13 -16.95 16.98
C PRO A 157 -1.83 -17.03 17.76
N GLN A 158 -1.46 -18.24 18.16
CA GLN A 158 -0.29 -18.44 19.00
C GLN A 158 0.66 -19.47 18.41
N GLY A 159 1.93 -19.34 18.76
CA GLY A 159 2.96 -20.22 18.25
C GLY A 159 3.53 -19.80 16.92
N PHE A 160 3.11 -18.66 16.40
CA PHE A 160 3.57 -18.22 15.10
C PHE A 160 4.90 -17.52 15.26
N ASN A 161 5.70 -17.65 14.21
CA ASN A 161 7.04 -17.06 14.22
C ASN A 161 6.99 -15.69 13.58
N GLN A 162 6.36 -14.74 14.27
CA GLN A 162 6.27 -13.38 13.76
C GLN A 162 7.66 -12.77 13.65
N GLY A 163 7.91 -12.07 12.54
CA GLY A 163 9.13 -11.30 12.36
C GLY A 163 10.31 -12.01 11.70
N LEU A 164 10.16 -13.26 11.27
CA LEU A 164 11.23 -13.90 10.51
C LEU A 164 11.46 -13.21 9.18
N ASP A 165 10.39 -12.81 8.49
CA ASP A 165 10.55 -12.22 7.18
C ASP A 165 10.23 -10.73 7.20
N CYS A 166 10.49 -10.05 6.09
CA CYS A 166 10.15 -8.64 6.02
C CYS A 166 9.14 -8.39 4.90
N ASP A 167 8.40 -7.28 5.04
CA ASP A 167 7.20 -7.00 4.23
C ASP A 167 7.50 -6.68 2.76
N VAL A 168 8.68 -6.97 2.25
CA VAL A 168 9.01 -6.72 0.85
C VAL A 168 9.50 -8.01 0.21
N ILE A 169 8.90 -8.37 -0.93
CA ILE A 169 9.35 -9.52 -1.73
C ILE A 169 9.99 -9.00 -3.01
N VAL A 170 11.12 -9.58 -3.39
CA VAL A 170 11.78 -9.28 -4.65
C VAL A 170 11.91 -10.58 -5.42
N ALA A 171 11.17 -10.70 -6.54
CA ALA A 171 11.03 -11.97 -7.23
C ALA A 171 10.71 -11.72 -8.68
N GLU A 172 11.14 -12.65 -9.53
CA GLU A 172 10.96 -12.51 -10.97
C GLU A 172 9.51 -12.78 -11.36
N VAL A 173 8.98 -11.93 -12.26
CA VAL A 173 7.63 -12.06 -12.78
C VAL A 173 7.57 -13.19 -13.82
N ARG A 174 6.55 -14.05 -13.72
CA ARG A 174 6.39 -15.16 -14.66
C ARG A 174 5.16 -14.98 -15.55
N SER A 175 4.22 -15.92 -15.50
CA SER A 175 2.98 -15.76 -16.24
C SER A 175 2.21 -14.56 -15.67
N THR A 176 1.28 -14.05 -16.47
CA THR A 176 0.38 -13.04 -15.95
C THR A 176 -0.51 -13.67 -14.88
N SER A 177 -0.85 -12.85 -13.88
CA SER A 177 -1.72 -13.28 -12.80
C SER A 177 -1.12 -14.46 -12.01
N HIS A 178 0.21 -14.50 -11.93
CA HIS A 178 0.92 -15.59 -11.26
C HIS A 178 1.56 -15.08 -9.96
N LYS A 179 1.34 -15.81 -8.83
CA LYS A 179 1.94 -15.54 -7.52
C LYS A 179 3.41 -15.94 -7.50
N PRO A 180 4.27 -15.15 -6.85
CA PRO A 180 5.64 -15.58 -6.63
C PRO A 180 5.67 -16.67 -5.57
N ASP A 181 6.42 -17.74 -5.84
CA ASP A 181 6.48 -18.85 -4.89
C ASP A 181 7.09 -18.42 -3.55
N GLU A 182 7.83 -17.31 -3.53
CA GLU A 182 8.39 -16.82 -2.27
C GLU A 182 7.33 -16.67 -1.16
N ILE A 183 6.10 -16.30 -1.51
CA ILE A 183 5.08 -16.07 -0.48
C ILE A 183 4.76 -17.34 0.31
N TYR A 184 4.89 -18.53 -0.32
CA TYR A 184 4.63 -19.78 0.40
C TYR A 184 5.75 -20.07 1.41
N GLY A 185 6.98 -19.74 1.06
CA GLY A 185 8.08 -19.87 2.00
C GLY A 185 7.91 -18.98 3.21
N MET A 186 7.54 -17.70 3.00
CA MET A 186 7.27 -16.81 4.13
C MET A 186 6.12 -17.32 4.98
N ILE A 187 5.07 -17.83 4.35
CA ILE A 187 3.94 -18.32 5.13
C ILE A 187 4.33 -19.62 5.87
N GLU A 188 5.22 -20.44 5.29
CA GLU A 188 5.70 -21.63 5.98
C GLU A 188 6.52 -21.28 7.21
N ARG A 189 7.51 -20.39 7.04
CA ARG A 189 8.28 -19.96 8.21
C ARG A 189 7.37 -19.36 9.28
N LEU A 190 6.38 -18.58 8.86
CA LEU A 190 5.48 -17.94 9.83
C LEU A 190 4.71 -18.97 10.63
N SER A 191 4.22 -20.03 9.96
CA SER A 191 3.35 -21.03 10.56
C SER A 191 3.72 -22.41 10.01
N PRO A 192 4.84 -22.96 10.46
CA PRO A 192 5.27 -24.26 9.92
C PRO A 192 4.38 -25.39 10.42
N GLY A 193 4.05 -26.30 9.51
CA GLY A 193 3.28 -27.50 9.79
C GLY A 193 1.78 -27.37 9.72
N THR A 194 1.23 -26.16 9.87
CA THR A 194 -0.21 -25.97 10.03
C THR A 194 -0.94 -26.13 8.70
N ARG A 195 -2.26 -26.34 8.77
CA ARG A 195 -3.05 -26.45 7.55
C ARG A 195 -3.38 -25.07 6.96
N LYS A 196 -3.20 -24.95 5.64
CA LYS A 196 -3.42 -23.71 4.92
C LYS A 196 -4.38 -23.95 3.76
N ILE A 197 -5.18 -22.92 3.44
CA ILE A 197 -6.12 -22.99 2.32
C ILE A 197 -5.93 -21.77 1.43
N GLU A 198 -6.01 -21.98 0.11
CA GLU A 198 -5.87 -20.93 -0.89
C GLU A 198 -7.14 -20.87 -1.71
N LEU A 199 -7.70 -19.67 -1.83
CA LEU A 199 -8.89 -19.45 -2.65
C LEU A 199 -8.50 -18.75 -3.94
N PHE A 200 -9.07 -19.23 -5.06
CA PHE A 200 -8.80 -18.70 -6.39
C PHE A 200 -7.37 -18.99 -6.81
N GLY A 201 -6.87 -20.18 -6.44
CA GLY A 201 -5.62 -20.67 -6.97
C GLY A 201 -5.76 -21.28 -8.37
N ARG A 202 -4.62 -21.53 -8.97
CA ARG A 202 -4.48 -22.16 -10.27
C ARG A 202 -3.55 -23.36 -10.12
N PRO A 203 -3.49 -24.26 -11.12
CA PRO A 203 -2.77 -25.53 -10.90
C PRO A 203 -1.37 -25.42 -10.32
N HIS A 204 -0.56 -24.44 -10.79
CA HIS A 204 0.82 -24.28 -10.28
C HIS A 204 0.85 -23.97 -8.79
N ASN A 205 -0.23 -23.40 -8.26
CA ASN A 205 -0.28 -22.95 -6.88
C ASN A 205 -0.34 -24.09 -5.89
N VAL A 206 -0.67 -25.32 -6.32
CA VAL A 206 -0.88 -26.39 -5.36
C VAL A 206 0.46 -26.70 -4.70
N GLN A 207 0.41 -26.89 -3.38
CA GLN A 207 1.58 -26.91 -2.52
C GLN A 207 1.32 -27.89 -1.39
N PRO A 208 2.35 -28.48 -0.81
CA PRO A 208 2.17 -29.24 0.44
C PRO A 208 1.52 -28.37 1.52
N ASN A 209 0.76 -29.03 2.39
CA ASN A 209 -0.01 -28.45 3.49
C ASN A 209 -1.12 -27.52 3.02
N TRP A 210 -1.31 -27.35 1.70
CA TRP A 210 -2.30 -26.42 1.15
C TRP A 210 -3.43 -27.16 0.44
N ILE A 211 -4.66 -26.79 0.76
CA ILE A 211 -5.82 -27.16 -0.03
C ILE A 211 -6.10 -26.01 -0.98
N THR A 212 -6.09 -26.27 -2.27
CA THR A 212 -6.28 -25.22 -3.27
C THR A 212 -7.69 -25.28 -3.82
N LEU A 213 -8.42 -24.18 -3.73
CA LEU A 213 -9.72 -24.06 -4.38
C LEU A 213 -9.56 -23.14 -5.58
N GLY A 214 -10.12 -23.54 -6.72
CA GLY A 214 -10.13 -22.74 -7.93
C GLY A 214 -10.91 -23.43 -9.03
N ASN A 215 -11.54 -22.65 -9.91
CA ASN A 215 -12.36 -23.27 -10.96
C ASN A 215 -11.56 -23.70 -12.17
N GLN A 216 -10.23 -23.57 -12.17
CA GLN A 216 -9.40 -24.07 -13.26
C GLN A 216 -8.51 -25.24 -12.81
N LEU A 217 -8.80 -25.85 -11.68
CA LEU A 217 -8.04 -27.03 -11.30
C LEU A 217 -8.65 -28.28 -11.92
N ASP A 218 -7.89 -29.37 -11.89
CA ASP A 218 -8.27 -30.61 -12.56
C ASP A 218 -8.97 -31.48 -11.51
N GLY A 219 -10.30 -31.39 -11.48
CA GLY A 219 -11.09 -32.27 -10.62
C GLY A 219 -10.87 -32.08 -9.13
N ILE A 220 -10.95 -33.19 -8.39
CA ILE A 220 -10.89 -33.18 -6.94
C ILE A 220 -9.81 -34.14 -6.49
N HIS A 221 -8.95 -33.71 -5.56
CA HIS A 221 -7.86 -34.54 -5.04
C HIS A 221 -7.75 -34.29 -3.53
N LEU A 222 -8.34 -35.17 -2.73
CA LEU A 222 -8.41 -34.96 -1.28
C LEU A 222 -7.85 -36.17 -0.56
N LEU A 223 -6.97 -35.92 0.41
CA LEU A 223 -6.27 -36.97 1.12
C LEU A 223 -6.51 -36.97 2.62
N ASP A 224 -6.73 -35.80 3.22
CA ASP A 224 -7.12 -35.71 4.62
C ASP A 224 -8.41 -36.50 4.83
N PRO A 225 -8.41 -37.52 5.69
CA PRO A 225 -9.61 -38.36 5.80
C PRO A 225 -10.82 -37.61 6.33
N ASP A 226 -10.63 -36.81 7.40
CA ASP A 226 -11.72 -35.96 7.92
C ASP A 226 -12.39 -35.16 6.81
N VAL A 227 -11.59 -34.56 5.91
CA VAL A 227 -12.14 -33.81 4.80
C VAL A 227 -12.84 -34.75 3.83
N VAL A 228 -12.19 -35.87 3.48
CA VAL A 228 -12.77 -36.86 2.57
C VAL A 228 -14.15 -37.28 3.06
N ALA A 229 -14.22 -37.65 4.33
CA ALA A 229 -15.48 -37.90 5.03
C ALA A 229 -16.51 -36.81 4.78
N ARG A 230 -16.24 -35.61 5.31
CA ARG A 230 -17.24 -34.54 5.23
C ARG A 230 -17.62 -34.22 3.78
N PHE A 231 -16.70 -34.44 2.85
CA PHE A 231 -17.03 -34.24 1.45
C PHE A 231 -18.01 -35.31 0.95
N LYS A 232 -17.76 -36.58 1.30
CA LYS A 232 -18.69 -37.65 0.92
C LYS A 232 -20.08 -37.44 1.52
N GLN A 233 -20.15 -37.04 2.79
CA GLN A 233 -21.43 -36.67 3.41
C GLN A 233 -22.14 -35.57 2.62
N ARG A 234 -21.52 -34.40 2.53
CA ARG A 234 -22.18 -33.23 1.97
C ARG A 234 -22.42 -33.37 0.46
N TYR A 235 -21.54 -34.08 -0.24
CA TYR A 235 -21.61 -34.19 -1.70
C TYR A 235 -21.60 -35.66 -2.10
N PRO A 236 -22.71 -36.38 -1.85
CA PRO A 236 -22.67 -37.84 -2.05
C PRO A 236 -22.55 -38.22 -3.52
N ASP A 237 -22.99 -37.36 -4.42
CA ASP A 237 -22.85 -37.59 -5.85
C ASP A 237 -21.70 -36.79 -6.45
N GLY A 238 -20.85 -36.18 -5.62
CA GLY A 238 -19.62 -35.57 -6.09
C GLY A 238 -19.75 -34.36 -6.98
N ILE A 239 -20.85 -33.61 -6.90
CA ILE A 239 -21.05 -32.40 -7.71
C ILE A 239 -21.49 -31.26 -6.79
N ILE A 240 -21.02 -30.04 -7.11
CA ILE A 240 -21.13 -28.88 -6.20
C ILE A 240 -21.90 -27.78 -6.92
N SER A 241 -23.18 -27.61 -6.58
CA SER A 241 -24.07 -26.67 -7.28
C SER A 241 -24.90 -25.86 -6.28
N LYS A 242 -25.54 -24.82 -6.80
CA LYS A 242 -26.48 -23.95 -6.06
C LYS A 242 -25.81 -23.18 -4.91
N ASN B 12 16.47 -17.78 -7.43
CA ASN B 12 17.04 -17.25 -6.18
C ASN B 12 15.98 -16.56 -5.30
N ASP B 13 15.81 -17.10 -4.09
CA ASP B 13 14.84 -16.60 -3.11
C ASP B 13 15.52 -15.54 -2.23
N TYR B 14 15.09 -14.27 -2.38
CA TYR B 14 15.66 -13.21 -1.56
C TYR B 14 14.99 -13.10 -0.19
N CYS B 15 13.82 -13.69 -0.01
CA CYS B 15 13.24 -13.74 1.34
C CYS B 15 14.02 -14.70 2.21
N GLN B 16 14.23 -15.92 1.71
CA GLN B 16 15.11 -16.88 2.36
C GLN B 16 16.49 -16.29 2.62
N HIS B 17 17.06 -15.63 1.60
CA HIS B 17 18.33 -14.94 1.80
C HIS B 17 18.25 -13.91 2.92
N PHE B 18 17.10 -13.23 3.08
CA PHE B 18 16.99 -12.26 4.17
C PHE B 18 16.97 -12.96 5.53
N VAL B 19 16.21 -14.05 5.63
CA VAL B 19 16.21 -14.82 6.88
C VAL B 19 17.62 -15.34 7.18
N ASP B 20 18.41 -15.58 6.13
CA ASP B 20 19.75 -16.14 6.31
C ASP B 20 20.76 -15.09 6.77
N THR B 21 20.72 -13.89 6.17
CA THR B 21 21.82 -12.95 6.24
C THR B 21 21.47 -11.58 6.82
N GLY B 22 20.19 -11.20 6.85
CA GLY B 22 19.79 -9.88 7.29
C GLY B 22 19.75 -8.82 6.21
N HIS B 23 20.20 -9.14 5.00
CA HIS B 23 20.05 -8.25 3.84
C HIS B 23 18.59 -8.30 3.34
N ARG B 24 17.86 -7.20 3.51
CA ARG B 24 16.51 -7.13 2.99
C ARG B 24 16.49 -7.38 1.49
N PRO B 25 15.44 -8.02 0.97
CA PRO B 25 15.40 -8.31 -0.48
C PRO B 25 15.62 -7.09 -1.35
N GLN B 26 15.17 -5.90 -0.92
CA GLN B 26 15.30 -4.70 -1.74
C GLN B 26 16.75 -4.28 -1.97
N ASN B 27 17.68 -4.72 -1.09
CA ASN B 27 19.11 -4.41 -1.27
C ASN B 27 19.63 -4.88 -2.62
N PHE B 28 18.99 -5.89 -3.22
CA PHE B 28 19.50 -6.50 -4.45
C PHE B 28 18.81 -6.02 -5.71
N ILE B 29 17.99 -4.98 -5.63
CA ILE B 29 17.46 -4.33 -6.83
C ILE B 29 18.56 -3.46 -7.41
N ARG B 30 18.92 -3.72 -8.66
CA ARG B 30 19.91 -2.91 -9.37
C ARG B 30 19.22 -1.79 -10.16
N ASP B 31 19.97 -0.72 -10.42
CA ASP B 31 19.51 0.42 -11.21
C ASP B 31 18.28 1.09 -10.57
N VAL B 32 18.41 1.43 -9.30
CA VAL B 32 17.32 2.02 -8.52
C VAL B 32 17.07 3.47 -8.92
N GLU B 46 16.19 11.32 -20.53
CA GLU B 46 16.76 11.97 -21.70
C GLU B 46 16.38 13.45 -21.69
N LEU B 47 15.16 13.73 -22.16
CA LEU B 47 14.58 15.07 -22.06
C LEU B 47 13.81 15.28 -20.76
N ILE B 48 13.59 14.23 -19.98
CA ILE B 48 12.98 14.34 -18.65
C ILE B 48 13.93 15.10 -17.74
N ARG B 49 14.73 15.98 -18.33
CA ARG B 49 15.55 16.97 -17.66
C ARG B 49 15.13 18.38 -18.01
N LEU B 50 14.80 18.65 -19.28
CA LEU B 50 14.33 19.99 -19.62
C LEU B 50 12.97 20.27 -18.98
N LYS B 51 12.17 19.23 -18.72
CA LYS B 51 10.95 19.40 -17.93
C LYS B 51 11.28 19.86 -16.51
N ASP B 52 12.34 19.30 -15.91
CA ASP B 52 12.82 19.79 -14.63
C ASP B 52 13.22 21.25 -14.70
N GLU B 53 13.75 21.70 -15.85
CA GLU B 53 14.09 23.12 -16.02
C GLU B 53 12.83 23.97 -16.05
N LEU B 54 11.79 23.51 -16.76
CA LEU B 54 10.55 24.28 -16.84
C LEU B 54 9.92 24.43 -15.46
N ILE B 55 9.82 23.33 -14.71
CA ILE B 55 9.42 23.41 -13.30
C ILE B 55 10.22 24.49 -12.59
N ALA B 56 11.54 24.45 -12.75
CA ALA B 56 12.44 25.38 -12.07
C ALA B 56 12.10 26.84 -12.37
N LYS B 57 11.78 27.14 -13.64
CA LYS B 57 11.56 28.52 -14.02
C LYS B 57 10.21 29.02 -13.49
N SER B 58 9.17 28.20 -13.61
CA SER B 58 7.84 28.56 -13.12
C SER B 58 7.69 28.44 -11.62
N ASN B 59 8.73 28.05 -10.87
CA ASN B 59 8.58 27.91 -9.43
C ASN B 59 8.47 29.28 -8.77
N THR B 60 7.41 29.43 -7.97
CA THR B 60 7.32 30.53 -7.06
C THR B 60 8.49 30.52 -6.10
N PRO B 61 8.90 31.68 -5.60
CA PRO B 61 9.91 31.72 -4.56
C PRO B 61 9.49 30.85 -3.39
N PRO B 62 10.41 30.26 -2.65
CA PRO B 62 10.01 29.48 -1.48
C PRO B 62 9.32 30.37 -0.47
N MET B 63 8.26 29.87 0.13
CA MET B 63 7.59 30.61 1.19
C MET B 63 7.36 29.64 2.35
N TYR B 64 7.29 30.17 3.57
CA TYR B 64 7.31 29.29 4.72
C TYR B 64 6.77 30.05 5.93
N LEU B 65 5.99 29.36 6.74
CA LEU B 65 5.40 29.96 7.93
C LEU B 65 5.52 29.00 9.10
N GLN B 66 6.06 29.49 10.23
CA GLN B 66 5.99 28.76 11.48
C GLN B 66 4.58 28.88 12.05
N ALA B 67 3.98 27.73 12.40
CA ALA B 67 2.62 27.70 12.96
C ALA B 67 2.42 26.41 13.74
N ASP B 68 1.75 26.50 14.89
CA ASP B 68 1.36 25.28 15.59
C ASP B 68 0.00 24.85 15.03
N ILE B 69 0.04 23.84 14.14
CA ILE B 69 -1.08 23.46 13.29
C ILE B 69 -2.27 22.98 14.11
N GLU B 70 -2.01 22.37 15.27
CA GLU B 70 -3.09 22.03 16.21
C GLU B 70 -3.89 23.27 16.58
N ALA B 71 -3.19 24.36 16.92
CA ALA B 71 -3.78 25.58 17.44
C ALA B 71 -4.04 26.65 16.37
N PHE B 72 -3.84 26.32 15.10
CA PHE B 72 -3.79 27.32 14.03
C PHE B 72 -4.95 27.06 13.08
N ASP B 73 -5.81 28.06 12.91
CA ASP B 73 -6.91 27.94 11.94
C ASP B 73 -6.31 27.84 10.54
N ILE B 74 -6.48 26.68 9.91
CA ILE B 74 -5.90 26.43 8.59
C ILE B 74 -6.50 27.33 7.53
N ARG B 75 -7.69 27.92 7.78
CA ARG B 75 -8.33 28.78 6.78
C ARG B 75 -7.45 30.00 6.45
N GLU B 76 -6.73 30.55 7.44
CA GLU B 76 -5.82 31.68 7.22
C GLU B 76 -4.74 31.38 6.18
N LEU B 77 -4.63 30.12 5.74
CA LEU B 77 -3.76 29.75 4.63
C LEU B 77 -4.58 29.84 3.35
N THR B 78 -4.30 30.87 2.55
CA THR B 78 -4.95 31.05 1.27
C THR B 78 -3.88 31.30 0.21
N PRO B 79 -4.22 31.13 -1.09
CA PRO B 79 -5.52 30.67 -1.60
C PRO B 79 -5.71 29.16 -1.44
N LYS B 80 -6.58 28.58 -2.24
CA LYS B 80 -6.81 27.16 -2.14
C LYS B 80 -5.73 26.46 -2.95
N PHE B 81 -5.21 25.36 -2.41
CA PHE B 81 -4.02 24.74 -2.95
C PHE B 81 -4.34 23.71 -4.03
N ASP B 82 -3.47 23.63 -5.03
CA ASP B 82 -3.57 22.58 -6.03
C ASP B 82 -2.97 21.25 -5.54
N VAL B 83 -1.95 21.31 -4.68
CA VAL B 83 -1.31 20.13 -4.10
C VAL B 83 -1.06 20.35 -2.62
N ILE B 84 -1.30 19.32 -1.82
CA ILE B 84 -1.06 19.34 -0.39
C ILE B 84 -0.23 18.10 -0.04
N LEU B 85 0.92 18.32 0.58
CA LEU B 85 1.84 17.25 1.00
C LEU B 85 1.80 17.22 2.52
N LEU B 86 1.23 16.18 3.07
CA LEU B 86 0.89 16.13 4.48
C LEU B 86 1.81 15.11 5.15
N GLU B 87 2.63 15.58 6.08
CA GLU B 87 3.71 14.79 6.66
C GLU B 87 3.68 14.86 8.17
N PRO B 88 2.57 14.44 8.78
CA PRO B 88 2.41 14.62 10.23
C PRO B 88 3.42 13.76 10.97
N PRO B 89 3.91 14.24 12.11
CA PRO B 89 4.92 13.48 12.86
C PRO B 89 4.32 12.35 13.67
N LEU B 90 4.38 11.13 13.13
CA LEU B 90 3.79 9.97 13.77
C LEU B 90 4.66 9.49 14.92
N GLU B 91 3.99 8.98 15.97
CA GLU B 91 4.72 8.38 17.11
C GLU B 91 5.59 7.23 16.64
N GLU B 92 5.14 6.50 15.62
CA GLU B 92 5.91 5.36 15.11
C GLU B 92 7.23 5.77 14.49
N TYR B 93 7.39 7.05 14.08
CA TYR B 93 8.67 7.47 13.49
C TYR B 93 9.80 7.54 14.53
N TYR B 94 9.50 7.36 15.82
CA TYR B 94 10.47 7.50 16.89
C TYR B 94 10.57 6.17 17.64
N ARG B 95 11.73 5.52 17.53
CA ARG B 95 11.92 4.19 18.11
C ARG B 95 13.40 3.88 18.39
N LYS B 104 6.39 16.98 19.90
CA LYS B 104 4.98 16.63 19.90
C LYS B 104 4.62 15.61 18.80
N CYS B 105 4.17 14.42 19.17
CA CYS B 105 3.71 13.45 18.18
C CYS B 105 2.23 13.65 17.88
N TRP B 106 1.84 13.36 16.64
CA TRP B 106 0.46 13.43 16.20
C TRP B 106 -0.12 12.01 16.08
N THR B 107 -1.28 11.79 16.69
CA THR B 107 -2.02 10.55 16.49
C THR B 107 -2.89 10.69 15.26
N TRP B 108 -3.48 9.57 14.83
CA TRP B 108 -4.41 9.68 13.70
C TRP B 108 -5.70 10.33 14.15
N ASP B 109 -6.02 10.27 15.44
CA ASP B 109 -7.03 11.13 16.05
C ASP B 109 -6.81 12.57 15.66
N ASP B 110 -5.59 13.07 15.84
CA ASP B 110 -5.30 14.47 15.55
C ASP B 110 -5.34 14.72 14.05
N ILE B 111 -4.75 13.83 13.25
CA ILE B 111 -4.66 14.06 11.81
C ILE B 111 -6.06 14.15 11.21
N MET B 112 -6.93 13.19 11.56
CA MET B 112 -8.30 13.16 11.05
C MET B 112 -9.14 14.41 11.37
N LYS B 113 -8.72 15.26 12.30
CA LYS B 113 -9.54 16.42 12.62
C LYS B 113 -9.07 17.69 11.91
N LEU B 114 -7.92 17.63 11.22
CA LEU B 114 -7.51 18.74 10.38
C LEU B 114 -8.55 18.97 9.30
N GLU B 115 -8.90 20.25 9.10
CA GLU B 115 -9.93 20.59 8.12
C GLU B 115 -9.28 20.83 6.76
N ILE B 116 -8.67 19.77 6.23
CA ILE B 116 -7.92 19.86 4.98
C ILE B 116 -8.83 20.31 3.84
N ASP B 117 -10.09 19.87 3.86
CA ASP B 117 -11.02 20.20 2.78
C ASP B 117 -11.24 21.71 2.64
N GLU B 118 -11.01 22.49 3.71
CA GLU B 118 -11.27 23.92 3.68
C GLU B 118 -10.17 24.72 2.98
N ILE B 119 -9.04 24.09 2.64
CA ILE B 119 -7.95 24.80 1.98
C ILE B 119 -7.57 24.16 0.65
N ALA B 120 -8.34 23.17 0.19
CA ALA B 120 -7.98 22.42 -1.01
C ALA B 120 -8.79 22.90 -2.21
N ALA B 121 -8.13 23.06 -3.35
CA ALA B 121 -8.84 23.54 -4.53
C ALA B 121 -9.89 22.51 -4.93
N PRO B 122 -10.99 22.95 -5.55
CA PRO B 122 -12.03 21.99 -5.98
C PRO B 122 -11.48 20.80 -6.74
N ARG B 123 -10.64 21.04 -7.75
CA ARG B 123 -9.78 20.02 -8.32
C ARG B 123 -8.41 20.21 -7.68
N SER B 124 -7.93 19.19 -6.96
CA SER B 124 -6.62 19.24 -6.29
C SER B 124 -6.19 17.83 -5.88
N PHE B 125 -4.96 17.75 -5.37
CA PHE B 125 -4.30 16.49 -5.06
C PHE B 125 -3.73 16.56 -3.65
N ILE B 126 -3.56 15.39 -3.03
CA ILE B 126 -2.95 15.29 -1.71
C ILE B 126 -1.97 14.12 -1.70
N PHE B 127 -0.86 14.28 -0.98
CA PHE B 127 0.09 13.19 -0.77
C PHE B 127 0.27 13.05 0.72
N LEU B 128 -0.16 11.92 1.28
CA LEU B 128 -0.20 11.70 2.72
C LEU B 128 0.79 10.59 3.08
N TRP B 129 1.87 10.96 3.76
CA TRP B 129 2.75 9.97 4.35
C TRP B 129 2.00 9.27 5.47
N CYS B 130 1.82 7.96 5.35
CA CYS B 130 0.97 7.20 6.25
C CYS B 130 1.75 6.27 7.17
N GLY B 131 3.06 6.24 7.05
CA GLY B 131 3.85 5.32 7.83
C GLY B 131 3.65 3.91 7.33
N SER B 132 3.44 3.02 8.25
CA SER B 132 3.54 1.61 7.94
C SER B 132 2.68 0.74 8.83
N GLY B 133 1.90 1.31 9.74
CA GLY B 133 0.99 0.56 10.58
C GLY B 133 -0.46 0.89 10.30
N GLU B 134 -1.19 1.25 11.36
CA GLU B 134 -2.60 1.66 11.25
C GLU B 134 -2.80 2.78 10.23
N GLY B 135 -1.78 3.62 10.04
CA GLY B 135 -1.92 4.73 9.13
C GLY B 135 -2.28 4.34 7.71
N LEU B 136 -1.93 3.11 7.30
CA LEU B 136 -2.32 2.65 5.98
C LEU B 136 -3.81 2.57 5.83
N ASP B 137 -4.53 2.36 6.95
CA ASP B 137 -5.98 2.30 6.97
C ASP B 137 -6.60 3.63 7.36
N LEU B 138 -6.04 4.26 8.41
CA LEU B 138 -6.57 5.54 8.89
C LEU B 138 -6.31 6.67 7.89
N GLY B 139 -5.14 6.66 7.22
CA GLY B 139 -4.92 7.62 6.14
C GLY B 139 -5.91 7.48 4.99
N ARG B 140 -6.49 6.30 4.82
CA ARG B 140 -7.55 6.18 3.83
C ARG B 140 -8.85 6.77 4.33
N VAL B 141 -9.13 6.59 5.63
CA VAL B 141 -10.32 7.21 6.21
C VAL B 141 -10.21 8.72 6.06
N CYS B 142 -9.04 9.27 6.39
CA CYS B 142 -8.74 10.69 6.20
C CYS B 142 -9.01 11.13 4.78
N LEU B 143 -8.37 10.49 3.81
CA LEU B 143 -8.51 10.94 2.41
C LEU B 143 -9.97 11.01 2.02
N ARG B 144 -10.77 10.03 2.45
CA ARG B 144 -12.20 10.07 2.16
C ARG B 144 -12.90 11.14 2.99
N LYS B 145 -12.48 11.33 4.26
CA LYS B 145 -13.08 12.39 5.07
C LYS B 145 -12.99 13.73 4.35
N TRP B 146 -11.81 14.04 3.79
CA TRP B 146 -11.55 15.33 3.15
C TRP B 146 -12.02 15.38 1.70
N GLY B 147 -12.54 14.28 1.15
CA GLY B 147 -13.11 14.32 -0.17
C GLY B 147 -12.25 13.78 -1.29
N TYR B 148 -11.16 13.09 -0.97
CA TYR B 148 -10.32 12.55 -2.02
C TYR B 148 -10.67 11.08 -2.24
N ARG B 149 -10.30 10.59 -3.44
CA ARG B 149 -10.15 9.16 -3.68
C ARG B 149 -8.69 8.85 -4.01
N ARG B 150 -8.23 7.70 -3.57
CA ARG B 150 -6.83 7.33 -3.73
C ARG B 150 -6.61 6.73 -5.10
N CYS B 151 -5.73 7.36 -5.90
CA CYS B 151 -5.39 6.78 -7.20
C CYS B 151 -4.00 6.16 -7.24
N GLU B 152 -3.12 6.45 -6.29
CA GLU B 152 -1.79 5.84 -6.26
C GLU B 152 -1.39 5.56 -4.82
N ASP B 153 -0.63 4.48 -4.64
CA ASP B 153 -0.07 4.05 -3.38
C ASP B 153 1.44 3.97 -3.60
N ILE B 154 2.14 5.04 -3.26
CA ILE B 154 3.57 5.17 -3.46
C ILE B 154 4.31 4.62 -2.25
N CYS B 155 5.22 3.68 -2.47
N CYS B 155 5.20 3.66 -2.47
CA CYS B 155 5.93 3.00 -1.40
CA CYS B 155 5.94 3.00 -1.40
C CYS B 155 7.40 3.37 -1.39
C CYS B 155 7.41 3.42 -1.39
N TRP B 156 7.88 3.83 -0.23
CA TRP B 156 9.29 4.09 0.01
C TRP B 156 9.88 2.84 0.66
N ILE B 157 10.80 2.18 -0.04
CA ILE B 157 11.33 0.88 0.34
C ILE B 157 12.75 1.06 0.88
N LYS B 158 12.94 0.83 2.15
CA LYS B 158 14.20 1.17 2.83
C LYS B 158 15.16 -0.03 2.79
N THR B 159 16.22 0.10 1.99
CA THR B 159 17.31 -0.89 1.97
C THR B 159 18.18 -0.76 3.21
N ASN B 160 18.86 -1.86 3.58
CA ASN B 160 19.76 -1.83 4.73
C ASN B 160 21.13 -2.40 4.36
N LYS B 161 21.68 -1.95 3.22
CA LYS B 161 22.99 -2.43 2.78
C LYS B 161 24.07 -2.15 3.81
N ASN B 162 23.89 -1.10 4.62
CA ASN B 162 24.91 -0.65 5.57
C ASN B 162 24.62 -1.11 6.99
N ASN B 163 23.74 -2.08 7.18
CA ASN B 163 23.49 -2.60 8.52
C ASN B 163 22.65 -3.87 8.43
N PRO B 164 23.16 -4.96 7.81
CA PRO B 164 22.44 -6.24 7.85
C PRO B 164 22.24 -6.72 9.28
N LEU B 170 9.64 -3.38 15.71
CA LEU B 170 8.95 -4.53 16.28
C LEU B 170 7.63 -4.14 16.96
N ASP B 171 6.62 -3.80 16.14
CA ASP B 171 5.26 -3.55 16.65
C ASP B 171 4.63 -4.86 17.10
N PRO B 172 3.97 -4.87 18.27
CA PRO B 172 3.31 -6.12 18.74
C PRO B 172 2.39 -6.74 17.71
N LYS B 173 1.55 -5.92 17.07
CA LYS B 173 0.64 -6.44 16.05
C LYS B 173 1.34 -6.87 14.77
N ALA B 174 2.61 -6.50 14.58
CA ALA B 174 3.31 -6.85 13.35
C ALA B 174 3.47 -8.36 13.21
N VAL B 175 3.30 -8.83 11.98
CA VAL B 175 3.61 -10.20 11.64
C VAL B 175 4.98 -10.28 10.96
N PHE B 176 5.38 -9.25 10.24
CA PHE B 176 6.65 -9.24 9.53
C PHE B 176 7.44 -8.00 9.94
N GLN B 177 8.72 -8.05 9.64
CA GLN B 177 9.56 -6.86 9.80
C GLN B 177 9.11 -5.80 8.80
N ARG B 178 8.87 -4.59 9.29
CA ARG B 178 8.37 -3.52 8.45
C ARG B 178 9.55 -2.72 7.87
N THR B 179 9.70 -2.75 6.53
CA THR B 179 10.85 -2.16 5.85
C THR B 179 10.45 -1.11 4.82
N LYS B 180 9.26 -0.53 4.94
CA LYS B 180 8.79 0.43 3.96
C LYS B 180 7.86 1.43 4.64
N GLU B 181 7.58 2.52 3.93
CA GLU B 181 6.56 3.47 4.34
C GLU B 181 5.72 3.79 3.11
N HIS B 182 4.45 4.14 3.32
CA HIS B 182 3.52 4.40 2.23
C HIS B 182 3.16 5.88 2.21
N CYS B 183 3.23 6.48 1.02
CA CYS B 183 2.69 7.82 0.80
C CYS B 183 1.47 7.65 -0.11
N LEU B 184 0.27 7.96 0.39
CA LEU B 184 -0.95 7.81 -0.40
C LEU B 184 -1.24 9.08 -1.21
N MET B 185 -1.76 8.89 -2.42
CA MET B 185 -2.03 10.02 -3.31
C MET B 185 -3.53 10.08 -3.63
N GLY B 186 -4.15 11.19 -3.22
CA GLY B 186 -5.58 11.40 -3.38
C GLY B 186 -5.86 12.48 -4.41
N ILE B 187 -6.97 12.30 -5.13
CA ILE B 187 -7.48 13.29 -6.06
C ILE B 187 -8.90 13.66 -5.66
N LYS B 188 -9.26 14.92 -5.92
CA LYS B 188 -10.65 15.37 -5.85
C LYS B 188 -10.97 16.17 -7.10
N GLY B 189 -12.15 15.95 -7.64
CA GLY B 189 -12.62 16.67 -8.82
C GLY B 189 -12.36 15.90 -10.09
N THR B 190 -12.24 16.65 -11.18
CA THR B 190 -11.93 16.04 -12.47
C THR B 190 -10.42 16.07 -12.71
N VAL B 204 5.74 8.81 -16.50
CA VAL B 204 7.19 8.65 -16.47
C VAL B 204 7.69 7.94 -15.19
N ASP B 205 7.08 8.27 -14.04
CA ASP B 205 7.58 7.79 -12.76
C ASP B 205 6.89 6.48 -12.33
N ILE B 206 7.59 5.72 -11.48
CA ILE B 206 7.09 4.51 -10.83
C ILE B 206 6.55 4.90 -9.47
N ASP B 207 5.76 4.02 -8.85
CA ASP B 207 5.24 4.23 -7.49
C ASP B 207 6.14 3.61 -6.42
N LEU B 208 7.46 3.78 -6.56
CA LEU B 208 8.45 3.17 -5.70
C LEU B 208 9.61 4.13 -5.50
N ILE B 209 10.04 4.33 -4.26
CA ILE B 209 11.26 5.06 -3.96
C ILE B 209 12.15 4.13 -3.15
N ILE B 210 13.31 3.79 -3.68
CA ILE B 210 14.26 2.91 -3.02
C ILE B 210 15.44 3.74 -2.54
N THR B 211 15.61 3.80 -1.21
CA THR B 211 16.81 4.39 -0.59
C THR B 211 17.16 3.61 0.67
N GLU B 212 18.35 3.92 1.19
CA GLU B 212 18.81 3.29 2.43
C GLU B 212 18.05 3.86 3.63
N GLU B 213 17.72 2.98 4.56
CA GLU B 213 17.00 3.39 5.74
C GLU B 213 17.76 4.48 6.49
N PRO B 214 17.13 5.61 6.80
CA PRO B 214 17.82 6.66 7.54
C PRO B 214 18.16 6.22 8.96
N GLU B 215 19.17 6.91 9.51
CA GLU B 215 19.67 6.69 10.87
C GLU B 215 18.55 6.87 11.87
N ILE B 216 18.60 6.08 12.94
CA ILE B 216 17.49 6.09 13.89
C ILE B 216 17.30 7.52 14.39
N GLY B 217 16.04 7.95 14.47
CA GLY B 217 15.74 9.30 14.87
C GLY B 217 15.80 10.34 13.78
N ASN B 218 16.36 10.00 12.62
CA ASN B 218 16.19 10.83 11.43
C ASN B 218 14.82 10.51 10.85
N ILE B 219 13.94 11.51 10.80
CA ILE B 219 12.58 11.27 10.38
C ILE B 219 12.31 11.85 9.00
N GLU B 220 13.35 12.19 8.25
CA GLU B 220 13.16 12.86 6.97
C GLU B 220 12.73 11.86 5.91
N LYS B 221 11.68 12.25 5.10
CA LYS B 221 11.21 11.42 4.00
C LYS B 221 12.05 11.68 2.75
N PRO B 222 12.21 10.70 1.86
CA PRO B 222 13.05 10.91 0.67
C PRO B 222 12.56 12.08 -0.16
N VAL B 223 13.47 13.02 -0.42
CA VAL B 223 13.28 14.15 -1.33
C VAL B 223 12.69 13.74 -2.69
N GLU B 224 12.88 12.47 -3.08
CA GLU B 224 12.33 11.97 -4.35
C GLU B 224 10.82 12.15 -4.43
N ILE B 225 10.13 12.18 -3.29
CA ILE B 225 8.69 12.41 -3.31
C ILE B 225 8.40 13.73 -3.99
N PHE B 226 9.28 14.72 -3.84
CA PHE B 226 8.99 16.01 -4.45
C PHE B 226 9.16 15.92 -5.95
N HIS B 227 10.11 15.11 -6.40
CA HIS B 227 10.30 14.92 -7.83
C HIS B 227 9.07 14.28 -8.44
N ILE B 228 8.57 13.21 -7.82
CA ILE B 228 7.36 12.57 -8.30
C ILE B 228 6.21 13.55 -8.35
N ILE B 229 6.00 14.30 -7.27
CA ILE B 229 4.89 15.26 -7.24
C ILE B 229 5.05 16.31 -8.33
N GLU B 230 6.25 16.88 -8.46
CA GLU B 230 6.43 18.00 -9.38
C GLU B 230 6.36 17.55 -10.83
N HIS B 231 6.85 16.35 -11.15
CA HIS B 231 6.74 15.86 -12.51
C HIS B 231 5.29 15.60 -12.93
N PHE B 232 4.34 15.60 -12.00
CA PHE B 232 2.93 15.45 -12.37
C PHE B 232 2.34 16.71 -13.00
N CYS B 233 2.95 17.88 -12.78
CA CYS B 233 2.46 19.15 -13.36
C CYS B 233 1.02 19.47 -12.94
N LEU B 234 0.75 19.35 -11.64
CA LEU B 234 -0.61 19.48 -11.11
C LEU B 234 -1.03 20.90 -10.78
N GLY B 235 -0.18 21.90 -11.00
CA GLY B 235 -0.47 23.24 -10.56
C GLY B 235 0.62 23.78 -9.64
N ARG B 236 0.53 25.09 -9.42
CA ARG B 236 1.64 25.78 -8.78
C ARG B 236 1.38 26.11 -7.31
N ARG B 237 0.13 26.07 -6.83
CA ARG B 237 -0.13 26.31 -5.41
CA ARG B 237 -0.14 26.31 -5.42
C ARG B 237 0.09 24.99 -4.66
N ARG B 238 1.26 24.88 -4.03
CA ARG B 238 1.72 23.64 -3.40
C ARG B 238 2.01 23.90 -1.93
N LEU B 239 1.31 23.17 -1.05
CA LEU B 239 1.43 23.34 0.38
C LEU B 239 2.09 22.10 0.96
N HIS B 240 3.06 22.30 1.86
CA HIS B 240 3.71 21.16 2.53
C HIS B 240 3.51 21.34 4.02
N LEU B 241 2.62 20.55 4.61
CA LEU B 241 2.23 20.75 5.99
C LEU B 241 3.10 19.88 6.87
N PHE B 242 3.61 20.47 7.95
CA PHE B 242 4.55 19.84 8.86
C PHE B 242 5.92 19.69 8.22
N GLY B 243 6.22 20.57 7.26
CA GLY B 243 7.57 20.70 6.79
C GLY B 243 8.48 21.20 7.88
N ARG B 244 9.77 21.17 7.56
CA ARG B 244 10.78 21.68 8.47
C ARG B 244 11.67 22.63 7.67
N ASP B 245 12.48 23.41 8.39
CA ASP B 245 13.53 24.21 7.77
C ASP B 245 14.24 23.49 6.63
N SER B 246 14.50 22.20 6.81
CA SER B 246 15.28 21.39 5.87
C SER B 246 14.46 20.93 4.67
N THR B 247 13.15 21.07 4.69
CA THR B 247 12.35 20.68 3.55
C THR B 247 11.96 21.88 2.69
N ILE B 248 12.30 23.10 3.12
CA ILE B 248 11.87 24.29 2.40
C ILE B 248 12.45 24.26 0.99
N ARG B 249 11.60 24.56 0.01
CA ARG B 249 11.89 24.20 -1.34
C ARG B 249 11.22 25.24 -2.24
N PRO B 250 11.83 25.60 -3.36
CA PRO B 250 11.16 26.57 -4.23
C PRO B 250 9.94 25.93 -4.88
N GLY B 251 8.94 26.75 -5.13
CA GLY B 251 7.67 26.23 -5.59
C GLY B 251 6.76 25.68 -4.51
N TRP B 252 7.07 25.92 -3.24
CA TRP B 252 6.32 25.31 -2.16
C TRP B 252 6.10 26.28 -1.01
N LEU B 253 4.89 26.26 -0.45
CA LEU B 253 4.61 26.87 0.84
C LEU B 253 4.73 25.80 1.93
N THR B 254 5.65 26.03 2.85
CA THR B 254 5.91 25.14 3.97
C THR B 254 5.33 25.74 5.24
N VAL B 255 4.52 24.96 5.96
CA VAL B 255 3.94 25.40 7.22
C VAL B 255 4.21 24.32 8.26
N GLY B 256 4.97 24.67 9.29
CA GLY B 256 5.28 23.71 10.31
C GLY B 256 5.53 24.33 11.66
N PRO B 257 5.45 23.52 12.70
CA PRO B 257 5.68 24.05 14.05
C PRO B 257 7.14 24.20 14.40
N THR B 258 8.04 23.48 13.72
CA THR B 258 9.46 23.60 14.01
C THR B 258 10.20 24.61 13.16
N LEU B 259 9.56 25.15 12.09
CA LEU B 259 10.17 26.23 11.33
C LEU B 259 10.66 27.32 12.26
N THR B 260 11.80 27.92 11.94
CA THR B 260 12.42 28.90 12.80
C THR B 260 12.34 30.32 12.26
N ASN B 261 12.03 30.48 10.99
CA ASN B 261 11.71 31.78 10.43
C ASN B 261 10.47 31.62 9.60
N SER B 262 9.80 32.75 9.39
CA SER B 262 8.64 32.78 8.54
C SER B 262 8.88 33.88 7.53
N ASN B 263 8.16 33.80 6.44
CA ASN B 263 8.12 34.90 5.49
C ASN B 263 6.75 34.98 4.83
N TYR B 264 5.75 34.25 5.35
CA TYR B 264 4.47 34.11 4.68
C TYR B 264 3.68 35.40 4.68
N ASN B 265 3.18 35.78 3.52
CA ASN B 265 2.16 36.81 3.42
C ASN B 265 1.12 36.35 2.43
N ALA B 266 -0.13 36.19 2.91
CA ALA B 266 -1.22 35.72 2.06
C ALA B 266 -1.38 36.57 0.82
N GLU B 267 -1.31 37.89 0.98
CA GLU B 267 -1.41 38.77 -0.17
C GLU B 267 -0.22 38.55 -1.10
N THR B 268 1.00 38.52 -0.57
CA THR B 268 2.16 38.30 -1.43
C THR B 268 2.10 36.92 -2.07
N TYR B 269 1.66 35.92 -1.31
CA TYR B 269 1.53 34.58 -1.87
C TYR B 269 0.54 34.56 -3.03
N ALA B 270 -0.64 35.17 -2.84
CA ALA B 270 -1.60 35.18 -3.93
C ALA B 270 -1.11 35.98 -5.14
N SER B 271 -0.19 36.93 -4.94
CA SER B 271 0.29 37.72 -6.06
C SER B 271 0.96 36.85 -7.13
N TYR B 272 1.54 35.71 -6.74
CA TYR B 272 2.26 34.85 -7.66
C TYR B 272 1.35 34.15 -8.65
N PHE B 273 0.05 34.05 -8.34
CA PHE B 273 -0.89 33.30 -9.17
C PHE B 273 -2.00 34.18 -9.73
N SER B 274 -1.87 35.50 -9.65
CA SER B 274 -2.84 36.36 -10.29
C SER B 274 -2.59 36.36 -11.79
N ALA B 275 -3.65 36.64 -12.56
CA ALA B 275 -3.60 36.57 -14.01
C ALA B 275 -2.38 37.32 -14.53
N PRO B 276 -1.73 36.82 -15.61
CA PRO B 276 -2.19 35.68 -16.42
C PRO B 276 -1.61 34.31 -16.01
N ASN B 277 -1.43 34.05 -14.71
CA ASN B 277 -0.67 32.88 -14.25
C ASN B 277 -1.49 31.90 -13.41
N SER B 278 -2.83 32.03 -13.40
CA SER B 278 -3.66 31.33 -12.41
C SER B 278 -3.84 29.83 -12.67
N TYR B 279 -3.63 29.36 -13.90
CA TYR B 279 -3.93 27.97 -14.24
C TYR B 279 -2.72 27.22 -14.77
N LEU B 280 -1.52 27.80 -14.66
CA LEU B 280 -0.30 27.14 -15.14
C LEU B 280 -0.12 25.79 -14.44
N THR B 281 0.41 24.81 -15.20
CA THR B 281 0.69 23.51 -14.62
C THR B 281 1.99 23.48 -13.83
N GLY B 282 2.79 24.54 -13.86
CA GLY B 282 4.10 24.50 -13.27
C GLY B 282 5.13 23.78 -14.10
N CYS B 283 4.76 23.30 -15.29
CA CYS B 283 5.66 22.69 -16.25
C CYS B 283 5.74 23.49 -17.56
N THR B 284 5.13 24.67 -17.60
CA THR B 284 5.08 25.47 -18.82
C THR B 284 6.05 26.65 -18.69
N GLU B 285 6.29 27.33 -19.82
CA GLU B 285 7.15 28.50 -19.80
C GLU B 285 6.45 29.67 -19.09
N GLU B 286 7.26 30.57 -18.52
CA GLU B 286 6.68 31.78 -17.96
C GLU B 286 6.02 32.59 -19.07
N ILE B 287 5.02 33.40 -18.70
CA ILE B 287 4.28 34.23 -19.64
C ILE B 287 4.92 35.61 -19.71
N GLU B 288 5.20 36.08 -20.92
CA GLU B 288 5.95 37.33 -21.13
C GLU B 288 5.21 38.58 -20.66
#